data_8FI3
#
_entry.id   8FI3
#
_cell.length_a   153.000
_cell.length_b   84.437
_cell.length_c   58.020
_cell.angle_alpha   90.00
_cell.angle_beta   90.00
_cell.angle_gamma   90.00
#
_symmetry.space_group_name_H-M   'P 21 21 2'
#
loop_
_entity.id
_entity.type
_entity.pdbx_description
1 polymer 'Bifunctional ligase/repressor BirA'
2 non-polymer BIOTIN
3 water water
#
_entity_poly.entity_id   1
_entity_poly.type   'polypeptide(L)'
_entity_poly.pdbx_seq_one_letter_code
;MAHHHHHHMKDHTIPLTLISILADGEFHSGEQLGEQLGMSRAAINKHIQTLRDWGVDVFTVPGKGYSLPEPIHLLDEKKI
SQEIDHGRVTVLPVIDSTNQYLLDRLDELTSGDACVAEYQQAGRGRRGRKWFSPFGANLYLSMYWRLEQGPAAAIGLSLV
IGIVIAEVLQQLGAEQVRVKWPNDIYLQDRKLSGILVELTGKTGDAAQIVSGAGINLVMRRVESDVVNQGWISLQEAGVV
IDRNLLAARLIKELRLGLELFEQEGLAPYLPRWEKLDNFIHRPVKLIIGDKEIYGISRGIDAQGALLLEQDGVIKAWVGG
EISLRSAE
;
_entity_poly.pdbx_strand_id   A,B
#
loop_
_chem_comp.id
_chem_comp.type
_chem_comp.name
_chem_comp.formula
BTN non-polymer BIOTIN 'C10 H16 N2 O3 S'
#
# COMPACT_ATOMS: atom_id res chain seq x y z
N LYS A 10 -26.39 -15.72 -6.99
CA LYS A 10 -27.72 -15.44 -6.47
C LYS A 10 -27.79 -14.02 -5.90
N ASP A 11 -28.97 -13.40 -6.03
CA ASP A 11 -29.17 -12.05 -5.54
C ASP A 11 -29.26 -12.06 -4.02
N HIS A 12 -28.30 -11.41 -3.36
CA HIS A 12 -28.33 -11.26 -1.91
C HIS A 12 -28.48 -9.81 -1.49
N THR A 13 -28.99 -8.95 -2.38
CA THR A 13 -29.04 -7.52 -2.10
C THR A 13 -29.92 -7.22 -0.89
N ILE A 14 -31.09 -7.86 -0.81
CA ILE A 14 -32.06 -7.53 0.23
C ILE A 14 -31.55 -7.95 1.61
N PRO A 15 -31.10 -9.20 1.82
CA PRO A 15 -30.55 -9.53 3.15
C PRO A 15 -29.37 -8.66 3.53
N LEU A 16 -28.57 -8.24 2.56
CA LEU A 16 -27.41 -7.39 2.84
C LEU A 16 -27.83 -5.97 3.15
N THR A 17 -28.81 -5.43 2.42
CA THR A 17 -29.36 -4.13 2.79
C THR A 17 -30.02 -4.21 4.15
N LEU A 18 -30.67 -5.34 4.45
CA LEU A 18 -31.30 -5.52 5.76
C LEU A 18 -30.28 -5.45 6.87
N ILE A 19 -29.12 -6.08 6.69
CA ILE A 19 -28.13 -6.12 7.76
C ILE A 19 -27.38 -4.79 7.88
N SER A 20 -27.25 -4.02 6.79
CA SER A 20 -26.65 -2.70 6.91
C SER A 20 -27.58 -1.73 7.62
N ILE A 21 -28.89 -1.92 7.47
CA ILE A 21 -29.86 -1.09 8.18
C ILE A 21 -29.94 -1.48 9.66
N LEU A 22 -29.60 -2.72 9.99
CA LEU A 22 -29.65 -3.19 11.36
C LEU A 22 -28.29 -3.20 12.05
N ALA A 23 -27.22 -2.87 11.32
CA ALA A 23 -25.88 -2.92 11.88
C ALA A 23 -25.65 -1.88 12.97
N ASP A 24 -26.49 -0.85 13.04
CA ASP A 24 -26.35 0.18 14.06
C ASP A 24 -26.61 -0.35 15.46
N GLY A 25 -27.28 -1.49 15.58
CA GLY A 25 -27.67 -2.02 16.86
C GLY A 25 -28.95 -1.46 17.42
N GLU A 26 -29.58 -0.52 16.72
CA GLU A 26 -30.83 0.06 17.17
C GLU A 26 -32.02 -0.79 16.71
N PHE A 27 -33.18 -0.47 17.25
CA PHE A 27 -34.39 -1.20 16.91
C PHE A 27 -35.01 -0.67 15.63
N HIS A 28 -35.47 -1.59 14.78
CA HIS A 28 -36.04 -1.25 13.47
C HIS A 28 -37.30 -2.09 13.28
N SER A 29 -38.42 -1.41 13.11
CA SER A 29 -39.70 -2.10 12.99
C SER A 29 -39.90 -2.57 11.55
N GLY A 30 -40.64 -3.69 11.42
CA GLY A 30 -40.91 -4.20 10.09
C GLY A 30 -41.58 -3.18 9.19
N GLU A 31 -42.30 -2.24 9.78
CA GLU A 31 -42.86 -1.13 9.01
C GLU A 31 -41.76 -0.24 8.45
N GLN A 32 -40.83 0.20 9.31
CA GLN A 32 -39.72 1.03 8.85
C GLN A 32 -38.87 0.29 7.83
N LEU A 33 -38.61 -1.00 8.07
CA LEU A 33 -37.85 -1.80 7.11
C LEU A 33 -38.58 -1.88 5.77
N GLY A 34 -39.90 -2.08 5.81
CA GLY A 34 -40.67 -2.11 4.57
C GLY A 34 -40.57 -0.83 3.78
N GLU A 35 -40.57 0.32 4.46
CA GLU A 35 -40.42 1.60 3.78
C GLU A 35 -39.08 1.68 3.04
N GLN A 36 -37.99 1.44 3.76
CA GLN A 36 -36.66 1.51 3.16
C GLN A 36 -36.48 0.43 2.09
N LEU A 37 -36.86 -0.81 2.41
CA LEU A 37 -36.66 -1.91 1.48
C LEU A 37 -37.71 -1.97 0.38
N GLY A 38 -38.82 -1.24 0.51
CA GLY A 38 -39.86 -1.28 -0.49
C GLY A 38 -40.46 -2.65 -0.61
N MET A 39 -40.78 -3.28 0.53
CA MET A 39 -41.24 -4.66 0.56
C MET A 39 -42.34 -4.80 1.59
N SER A 40 -43.07 -5.92 1.50
CA SER A 40 -44.13 -6.21 2.43
C SER A 40 -43.56 -6.57 3.80
N ARG A 41 -44.44 -6.66 4.80
CA ARG A 41 -44.01 -7.01 6.14
C ARG A 41 -43.74 -8.50 6.28
N ALA A 42 -44.48 -9.36 5.58
CA ALA A 42 -44.24 -10.80 5.65
C ALA A 42 -42.92 -11.17 4.96
N ALA A 43 -42.64 -10.55 3.81
CA ALA A 43 -41.38 -10.83 3.12
C ALA A 43 -40.19 -10.28 3.89
N ILE A 44 -40.36 -9.15 4.58
CA ILE A 44 -39.31 -8.63 5.45
C ILE A 44 -38.97 -9.64 6.54
N ASN A 45 -40.00 -10.25 7.15
CA ASN A 45 -39.75 -11.26 8.17
C ASN A 45 -39.03 -12.47 7.61
N LYS A 46 -39.40 -12.90 6.40
CA LYS A 46 -38.77 -14.07 5.80
C LYS A 46 -37.29 -13.83 5.54
N HIS A 47 -36.94 -12.62 5.09
CA HIS A 47 -35.55 -12.28 4.83
C HIS A 47 -34.77 -11.97 6.09
N ILE A 48 -35.46 -11.62 7.19
CA ILE A 48 -34.80 -11.60 8.50
C ILE A 48 -34.29 -12.99 8.84
N GLN A 49 -35.04 -14.02 8.48
CA GLN A 49 -34.63 -15.39 8.78
C GLN A 49 -33.42 -15.79 7.95
N THR A 50 -33.33 -15.30 6.70
CA THR A 50 -32.15 -15.56 5.88
C THR A 50 -30.90 -15.04 6.58
N LEU A 51 -30.99 -13.87 7.21
CA LEU A 51 -29.86 -13.33 7.95
C LEU A 51 -29.50 -14.22 9.13
N ARG A 52 -30.52 -14.77 9.81
CA ARG A 52 -30.25 -15.66 10.94
C ARG A 52 -29.66 -16.98 10.47
N ASP A 53 -29.99 -17.43 9.25
CA ASP A 53 -29.33 -18.60 8.69
C ASP A 53 -27.86 -18.34 8.36
N TRP A 54 -27.46 -17.07 8.33
CA TRP A 54 -26.06 -16.70 8.11
C TRP A 54 -25.30 -16.47 9.41
N GLY A 55 -25.90 -16.78 10.54
CA GLY A 55 -25.25 -16.62 11.83
C GLY A 55 -25.42 -15.25 12.46
N VAL A 56 -26.41 -14.48 12.03
CA VAL A 56 -26.66 -13.15 12.60
C VAL A 56 -27.72 -13.28 13.69
N ASP A 57 -27.39 -12.81 14.89
CA ASP A 57 -28.34 -12.81 15.99
C ASP A 57 -29.35 -11.69 15.79
N VAL A 58 -30.63 -12.06 15.62
CA VAL A 58 -31.70 -11.08 15.42
C VAL A 58 -32.81 -11.36 16.44
N PHE A 59 -33.22 -10.33 17.17
CA PHE A 59 -34.28 -10.43 18.16
C PHE A 59 -35.58 -9.88 17.59
N THR A 60 -36.66 -10.66 17.72
CA THR A 60 -37.98 -10.24 17.22
C THR A 60 -38.79 -9.86 18.46
N VAL A 61 -38.79 -8.56 18.77
CA VAL A 61 -39.53 -8.02 19.90
C VAL A 61 -40.91 -7.55 19.43
N PRO A 62 -42.00 -8.08 19.98
CA PRO A 62 -43.34 -7.63 19.55
C PRO A 62 -43.57 -6.19 19.99
N GLY A 63 -43.90 -5.34 19.02
CA GLY A 63 -44.19 -3.95 19.29
C GLY A 63 -43.01 -3.00 19.27
N LYS A 64 -41.79 -3.49 19.07
CA LYS A 64 -40.63 -2.61 19.00
C LYS A 64 -39.85 -2.75 17.70
N GLY A 65 -39.68 -3.97 17.19
CA GLY A 65 -39.04 -4.16 15.92
C GLY A 65 -38.04 -5.30 15.99
N TYR A 66 -37.06 -5.26 15.11
CA TYR A 66 -35.97 -6.21 15.06
C TYR A 66 -34.70 -5.46 15.46
N SER A 67 -33.76 -6.18 16.06
CA SER A 67 -32.54 -5.51 16.47
C SER A 67 -31.41 -6.52 16.61
N LEU A 68 -30.20 -6.05 16.37
CA LEU A 68 -29.01 -6.85 16.62
C LEU A 68 -28.64 -6.76 18.09
N PRO A 69 -28.04 -7.82 18.65
CA PRO A 69 -27.72 -7.78 20.09
C PRO A 69 -26.79 -6.64 20.45
N GLU A 70 -25.84 -6.32 19.57
CA GLU A 70 -24.87 -5.26 19.77
C GLU A 70 -24.54 -4.70 18.40
N PRO A 71 -24.17 -3.43 18.30
CA PRO A 71 -23.83 -2.86 16.98
C PRO A 71 -22.64 -3.60 16.38
N ILE A 72 -22.71 -3.83 15.07
CA ILE A 72 -21.65 -4.52 14.34
C ILE A 72 -21.09 -3.57 13.30
N HIS A 73 -19.78 -3.66 13.08
CA HIS A 73 -19.06 -2.80 12.15
C HIS A 73 -18.67 -3.62 10.92
N LEU A 74 -19.10 -3.16 9.75
CA LEU A 74 -18.97 -3.91 8.51
C LEU A 74 -17.62 -3.64 7.85
N LEU A 75 -17.22 -4.58 6.99
CA LEU A 75 -15.97 -4.44 6.24
C LEU A 75 -16.14 -3.42 5.11
N ASP A 76 -15.12 -2.59 4.93
CA ASP A 76 -15.10 -1.58 3.87
C ASP A 76 -13.79 -1.67 3.13
N GLU A 77 -13.86 -1.71 1.79
CA GLU A 77 -12.63 -1.79 0.99
C GLU A 77 -11.78 -0.55 1.15
N LYS A 78 -12.39 0.64 1.10
CA LYS A 78 -11.62 1.87 1.21
C LYS A 78 -10.97 1.99 2.58
N LYS A 79 -11.69 1.62 3.64
CA LYS A 79 -11.10 1.66 4.97
C LYS A 79 -9.93 0.68 5.08
N ILE A 80 -10.08 -0.53 4.54
CA ILE A 80 -8.99 -1.49 4.58
C ILE A 80 -7.82 -1.00 3.73
N SER A 81 -8.11 -0.50 2.53
CA SER A 81 -7.05 -0.03 1.64
C SER A 81 -6.31 1.16 2.27
N GLN A 82 -7.05 2.02 2.97
CA GLN A 82 -6.43 3.21 3.56
C GLN A 82 -5.36 2.84 4.58
N GLU A 83 -5.66 1.88 5.46
CA GLU A 83 -4.65 1.46 6.44
C GLU A 83 -3.47 0.75 5.79
N ILE A 84 -3.70 0.03 4.69
CA ILE A 84 -2.60 -0.64 3.99
C ILE A 84 -1.66 0.40 3.39
N ASP A 85 -2.20 1.53 2.94
CA ASP A 85 -1.45 2.55 2.21
C ASP A 85 -1.16 3.79 3.03
N HIS A 86 -2.02 4.14 4.00
CA HIS A 86 -2.06 5.49 4.56
C HIS A 86 -1.98 6.56 3.46
N GLY A 87 -2.94 6.56 2.56
CA GLY A 87 -3.03 7.55 1.52
C GLY A 87 -3.51 6.95 0.20
N ARG A 88 -4.20 7.75 -0.58
CA ARG A 88 -4.65 7.36 -1.90
C ARG A 88 -3.78 8.04 -2.95
N VAL A 89 -3.93 7.61 -4.20
CA VAL A 89 -3.15 8.13 -5.31
C VAL A 89 -4.12 8.43 -6.45
N THR A 90 -3.93 9.58 -7.09
CA THR A 90 -4.75 9.98 -8.22
C THR A 90 -3.84 10.35 -9.38
N VAL A 91 -4.11 9.77 -10.54
CA VAL A 91 -3.40 10.11 -11.78
C VAL A 91 -4.32 10.99 -12.60
N LEU A 92 -3.84 12.17 -12.97
CA LEU A 92 -4.60 13.12 -13.76
C LEU A 92 -3.92 13.32 -15.11
N PRO A 93 -4.60 13.05 -16.22
CA PRO A 93 -3.96 13.30 -17.53
C PRO A 93 -3.63 14.77 -17.75
N VAL A 94 -4.59 15.66 -17.54
CA VAL A 94 -4.40 17.09 -17.72
C VAL A 94 -4.90 17.80 -16.47
N ILE A 95 -4.06 18.70 -15.93
CA ILE A 95 -4.42 19.50 -14.77
C ILE A 95 -3.58 20.76 -14.80
N ASP A 96 -4.04 21.81 -14.11
CA ASP A 96 -3.25 23.02 -14.04
C ASP A 96 -1.98 22.81 -13.21
N SER A 97 -2.11 22.19 -12.04
CA SER A 97 -0.97 21.87 -11.20
C SER A 97 -1.37 20.78 -10.22
N THR A 98 -0.44 19.86 -9.95
CA THR A 98 -0.69 18.84 -8.94
C THR A 98 -0.78 19.46 -7.55
N ASN A 99 0.02 20.49 -7.29
CA ASN A 99 -0.09 21.20 -6.01
C ASN A 99 -1.44 21.88 -5.88
N GLN A 100 -1.93 22.51 -6.95
CA GLN A 100 -3.21 23.18 -6.89
C GLN A 100 -4.36 22.19 -6.72
N TYR A 101 -4.24 21.01 -7.31
CA TYR A 101 -5.29 20.00 -7.17
C TYR A 101 -5.46 19.59 -5.71
N LEU A 102 -4.35 19.37 -5.00
CA LEU A 102 -4.44 19.01 -3.59
C LEU A 102 -4.87 20.19 -2.74
N LEU A 103 -4.38 21.40 -3.06
CA LEU A 103 -4.76 22.58 -2.30
C LEU A 103 -6.26 22.85 -2.41
N ASP A 104 -6.84 22.58 -3.57
CA ASP A 104 -8.27 22.78 -3.76
C ASP A 104 -9.10 21.77 -2.97
N ARG A 105 -8.50 20.70 -2.47
CA ARG A 105 -9.23 19.64 -1.78
C ARG A 105 -8.67 19.39 -0.38
N LEU A 106 -8.10 20.43 0.25
CA LEU A 106 -7.46 20.26 1.54
C LEU A 106 -8.41 19.69 2.59
N ASP A 107 -9.69 20.05 2.53
CA ASP A 107 -10.64 19.60 3.54
C ASP A 107 -10.90 18.10 3.48
N GLU A 108 -10.53 17.43 2.38
CA GLU A 108 -10.85 16.03 2.19
C GLU A 108 -9.61 15.14 2.16
N LEU A 109 -8.43 15.68 2.41
CA LEU A 109 -7.19 14.93 2.31
C LEU A 109 -6.74 14.41 3.68
N THR A 110 -6.01 13.30 3.64
CA THR A 110 -5.33 12.76 4.81
C THR A 110 -3.85 12.59 4.46
N SER A 111 -3.00 12.64 5.47
CA SER A 111 -1.56 12.58 5.28
C SER A 111 -1.16 11.36 4.43
N GLY A 112 -0.51 11.63 3.31
CA GLY A 112 -0.10 10.60 2.38
C GLY A 112 -0.80 10.63 1.05
N ASP A 113 -1.91 11.36 0.93
CA ASP A 113 -2.61 11.47 -0.34
C ASP A 113 -1.70 12.08 -1.40
N ALA A 114 -1.64 11.44 -2.56
CA ALA A 114 -0.70 11.82 -3.60
C ALA A 114 -1.45 12.10 -4.90
N CYS A 115 -0.71 12.64 -5.87
CA CYS A 115 -1.31 13.13 -7.12
C CYS A 115 -0.23 13.19 -8.17
N VAL A 116 -0.41 12.41 -9.24
CA VAL A 116 0.56 12.38 -10.36
C VAL A 116 -0.15 12.89 -11.62
N ALA A 117 0.52 13.74 -12.40
CA ALA A 117 -0.04 14.25 -13.64
C ALA A 117 0.93 13.98 -14.79
N GLU A 118 0.36 13.79 -15.98
CA GLU A 118 1.15 13.66 -17.20
C GLU A 118 1.48 15.01 -17.81
N TYR A 119 0.55 15.96 -17.71
CA TYR A 119 0.72 17.29 -18.29
C TYR A 119 0.15 18.31 -17.32
N GLN A 120 0.96 19.31 -16.98
CA GLN A 120 0.51 20.40 -16.11
C GLN A 120 0.40 21.66 -16.95
N GLN A 121 -0.79 22.25 -17.00
CA GLN A 121 -1.02 23.44 -17.85
C GLN A 121 -0.40 24.67 -17.21
N ALA A 122 -0.38 24.74 -15.89
CA ALA A 122 0.18 25.91 -15.18
C ALA A 122 1.15 25.46 -14.10
N GLY A 123 2.26 24.85 -14.48
CA GLY A 123 3.27 24.42 -13.51
C GLY A 123 3.77 25.59 -12.69
N ARG A 124 4.13 25.35 -11.43
CA ARG A 124 4.50 26.49 -10.55
C ARG A 124 5.86 26.31 -9.87
N GLY A 125 6.73 27.31 -9.96
CA GLY A 125 7.98 27.35 -9.23
C GLY A 125 7.81 28.04 -7.89
N ARG A 126 8.93 28.44 -7.30
CA ARG A 126 8.88 28.99 -5.95
C ARG A 126 8.49 30.46 -5.95
N ARG A 127 9.21 31.30 -6.69
CA ARG A 127 9.03 32.74 -6.70
C ARG A 127 8.14 33.17 -7.86
N GLY A 128 7.11 32.38 -8.15
CA GLY A 128 6.18 32.61 -9.24
C GLY A 128 6.64 32.32 -10.64
N ARG A 129 7.83 31.80 -10.84
CA ARG A 129 8.13 31.23 -12.14
C ARG A 129 7.36 29.93 -12.37
N LYS A 130 7.35 29.55 -13.64
CA LYS A 130 6.50 28.51 -14.19
C LYS A 130 7.32 27.27 -14.49
N TRP A 131 6.81 26.13 -14.03
CA TRP A 131 7.44 24.85 -14.31
C TRP A 131 6.85 24.31 -15.60
N PHE A 132 7.67 24.24 -16.65
CA PHE A 132 7.20 23.71 -17.92
C PHE A 132 7.06 22.21 -17.79
N SER A 133 5.85 21.70 -17.99
CA SER A 133 5.53 20.29 -17.76
C SER A 133 4.91 19.72 -19.03
N PRO A 134 5.73 19.36 -20.01
CA PRO A 134 5.20 18.72 -21.21
C PRO A 134 4.58 17.36 -20.92
N PHE A 135 3.62 16.99 -21.77
CA PHE A 135 2.85 15.76 -21.55
C PHE A 135 3.75 14.53 -21.61
N GLY A 136 3.60 13.66 -20.62
CA GLY A 136 4.21 12.34 -20.64
C GLY A 136 5.72 12.32 -20.75
N ALA A 137 6.39 13.36 -20.25
CA ALA A 137 7.84 13.46 -20.34
C ALA A 137 8.53 13.30 -19.00
N ASN A 138 8.14 14.09 -18.01
CA ASN A 138 8.75 14.07 -16.69
C ASN A 138 7.70 13.70 -15.64
N LEU A 139 8.15 13.59 -14.40
CA LEU A 139 7.27 13.25 -13.29
C LEU A 139 6.80 14.52 -12.60
N TYR A 140 5.49 14.66 -12.43
CA TYR A 140 4.88 15.80 -11.75
C TYR A 140 4.04 15.22 -10.62
N LEU A 141 4.64 15.17 -9.43
CA LEU A 141 4.06 14.50 -8.28
C LEU A 141 3.81 15.50 -7.16
N SER A 142 2.76 15.26 -6.39
CA SER A 142 2.46 16.06 -5.21
C SER A 142 1.90 15.15 -4.12
N MET A 143 2.11 15.56 -2.87
CA MET A 143 1.60 14.82 -1.73
C MET A 143 1.19 15.80 -0.63
N TYR A 144 0.12 15.44 0.07
CA TYR A 144 -0.39 16.22 1.19
C TYR A 144 0.13 15.63 2.50
N TRP A 145 0.29 16.49 3.51
CA TRP A 145 0.67 16.02 4.82
C TRP A 145 0.29 17.07 5.86
N ARG A 146 -0.39 16.64 6.91
CA ARG A 146 -0.69 17.48 8.06
C ARG A 146 0.34 17.20 9.14
N LEU A 147 1.06 18.22 9.55
CA LEU A 147 2.05 18.11 10.61
C LEU A 147 1.46 18.68 11.89
N GLU A 148 1.41 17.86 12.94
CA GLU A 148 0.83 18.32 14.20
C GLU A 148 1.64 19.46 14.80
N GLN A 149 2.95 19.48 14.57
CA GLN A 149 3.77 20.61 14.98
C GLN A 149 3.49 21.80 14.06
N GLY A 150 4.10 22.95 14.39
CA GLY A 150 3.74 24.18 13.76
C GLY A 150 4.19 24.26 12.31
N PRO A 151 3.92 25.41 11.69
CA PRO A 151 4.42 25.65 10.32
C PRO A 151 5.94 25.66 10.24
N ALA A 152 6.64 25.88 11.35
CA ALA A 152 8.09 25.85 11.33
C ALA A 152 8.64 24.45 11.13
N ALA A 153 7.81 23.42 11.33
CA ALA A 153 8.22 22.04 11.07
C ALA A 153 8.28 21.73 9.58
N ALA A 154 7.79 22.63 8.73
CA ALA A 154 7.83 22.40 7.29
C ALA A 154 9.25 22.47 6.72
N ILE A 155 10.19 23.09 7.45
CA ILE A 155 11.58 23.06 7.01
C ILE A 155 12.13 21.65 7.09
N GLY A 156 11.89 20.97 8.22
CA GLY A 156 12.26 19.57 8.30
C GLY A 156 11.51 18.70 7.31
N LEU A 157 10.22 19.03 7.10
CA LEU A 157 9.44 18.42 6.03
C LEU A 157 10.21 18.45 4.71
N SER A 158 10.59 19.66 4.28
CA SER A 158 11.28 19.81 2.99
C SER A 158 12.60 19.07 2.98
N LEU A 159 13.32 19.09 4.11
CA LEU A 159 14.60 18.37 4.18
C LEU A 159 14.39 16.86 4.06
N VAL A 160 13.36 16.33 4.72
CA VAL A 160 13.06 14.91 4.61
C VAL A 160 12.64 14.56 3.19
N ILE A 161 11.82 15.41 2.56
CA ILE A 161 11.40 15.17 1.19
C ILE A 161 12.61 15.11 0.26
N GLY A 162 13.53 16.07 0.41
CA GLY A 162 14.72 16.06 -0.43
C GLY A 162 15.58 14.83 -0.22
N ILE A 163 15.76 14.42 1.04
CA ILE A 163 16.56 13.23 1.33
C ILE A 163 15.94 11.99 0.72
N VAL A 164 14.62 11.83 0.86
CA VAL A 164 13.95 10.64 0.37
C VAL A 164 14.03 10.56 -1.15
N ILE A 165 13.76 11.67 -1.83
CA ILE A 165 13.76 11.67 -3.29
C ILE A 165 15.15 11.34 -3.82
N ALA A 166 16.18 11.98 -3.27
CA ALA A 166 17.55 11.69 -3.69
C ALA A 166 17.91 10.24 -3.39
N GLU A 167 17.51 9.73 -2.23
CA GLU A 167 17.79 8.33 -1.90
C GLU A 167 17.11 7.40 -2.89
N VAL A 168 15.84 7.65 -3.22
CA VAL A 168 15.14 6.80 -4.17
C VAL A 168 15.83 6.83 -5.52
N LEU A 169 16.25 8.02 -5.96
CA LEU A 169 16.98 8.13 -7.23
C LEU A 169 18.32 7.39 -7.17
N GLN A 170 18.99 7.43 -6.01
CA GLN A 170 20.27 6.73 -5.88
C GLN A 170 20.10 5.23 -6.05
N GLN A 171 19.06 4.65 -5.44
CA GLN A 171 18.80 3.22 -5.58
C GLN A 171 18.36 2.85 -6.99
N LEU A 172 18.03 3.82 -7.83
CA LEU A 172 17.61 3.55 -9.20
C LEU A 172 18.69 3.90 -10.23
N GLY A 173 19.90 4.24 -9.77
CA GLY A 173 21.00 4.43 -10.69
C GLY A 173 21.76 5.72 -10.53
N ALA A 174 21.05 6.82 -10.25
CA ALA A 174 21.69 8.13 -10.14
C ALA A 174 22.36 8.22 -8.78
N GLU A 175 23.60 7.73 -8.71
CA GLU A 175 24.30 7.63 -7.43
C GLU A 175 24.90 8.95 -6.98
N GLN A 176 24.99 9.95 -7.86
CA GLN A 176 25.60 11.23 -7.52
C GLN A 176 24.58 12.35 -7.34
N VAL A 177 23.31 12.01 -7.08
CA VAL A 177 22.28 13.01 -6.87
C VAL A 177 22.43 13.59 -5.48
N ARG A 178 22.35 14.91 -5.37
CA ARG A 178 22.54 15.62 -4.12
C ARG A 178 21.36 16.56 -3.88
N VAL A 179 21.26 17.08 -2.66
CA VAL A 179 20.13 17.89 -2.24
C VAL A 179 20.58 19.33 -1.98
N LYS A 180 19.60 20.22 -1.97
CA LYS A 180 19.82 21.65 -1.74
C LYS A 180 18.91 22.16 -0.64
N TRP A 181 19.48 22.96 0.26
CA TRP A 181 18.68 23.56 1.32
C TRP A 181 17.90 24.75 0.79
N PRO A 182 16.60 24.87 1.10
CA PRO A 182 15.80 23.94 1.89
C PRO A 182 15.10 22.88 1.03
N ASN A 183 15.01 23.08 -0.29
CA ASN A 183 14.32 22.11 -1.15
C ASN A 183 14.81 22.29 -2.58
N ASP A 184 15.56 21.29 -3.07
CA ASP A 184 15.87 21.10 -4.48
C ASP A 184 16.71 19.82 -4.60
N ILE A 185 16.70 19.25 -5.80
CA ILE A 185 17.45 18.03 -6.11
C ILE A 185 18.43 18.35 -7.22
N TYR A 186 19.69 17.97 -7.03
CA TYR A 186 20.78 18.38 -7.91
C TYR A 186 21.59 17.18 -8.40
N LEU A 187 22.29 17.39 -9.50
CA LEU A 187 23.14 16.38 -10.10
C LEU A 187 24.25 17.07 -10.88
N GLN A 188 25.50 16.83 -10.46
CA GLN A 188 26.67 17.49 -11.05
C GLN A 188 26.54 19.00 -11.04
N ASP A 189 26.07 19.55 -9.91
CA ASP A 189 25.87 20.98 -9.72
C ASP A 189 24.91 21.56 -10.76
N ARG A 190 23.94 20.76 -11.19
CA ARG A 190 22.89 21.19 -12.09
C ARG A 190 21.54 20.73 -11.53
N LYS A 191 20.51 21.53 -11.75
CA LYS A 191 19.21 21.23 -11.16
C LYS A 191 18.57 20.05 -11.87
N LEU A 192 18.28 19.00 -11.10
CA LEU A 192 17.65 17.80 -11.64
C LEU A 192 16.15 17.72 -11.34
N SER A 193 15.74 18.21 -10.16
CA SER A 193 14.34 18.22 -9.80
C SER A 193 14.04 19.45 -8.96
N GLY A 194 12.91 20.08 -9.21
CA GLY A 194 12.44 21.20 -8.42
C GLY A 194 11.31 20.77 -7.51
N ILE A 195 11.44 21.11 -6.23
CA ILE A 195 10.44 20.80 -5.21
C ILE A 195 9.80 22.11 -4.79
N LEU A 196 8.47 22.10 -4.70
CA LEU A 196 7.71 23.27 -4.28
C LEU A 196 6.81 22.84 -3.13
N VAL A 197 7.22 23.21 -1.91
CA VAL A 197 6.46 22.88 -0.70
C VAL A 197 5.66 24.10 -0.31
N GLU A 198 4.34 23.97 -0.31
CA GLU A 198 3.43 25.04 0.09
C GLU A 198 2.59 24.58 1.27
N LEU A 199 2.28 25.52 2.17
CA LEU A 199 1.65 25.18 3.43
C LEU A 199 0.71 26.29 3.86
N THR A 200 -0.32 25.90 4.63
CA THR A 200 -1.15 26.85 5.35
C THR A 200 -1.39 26.27 6.75
N GLY A 201 -1.04 27.05 7.77
CA GLY A 201 -1.15 26.57 9.14
C GLY A 201 -1.32 27.71 10.11
N LYS A 202 -1.33 27.36 11.39
CA LYS A 202 -1.46 28.32 12.49
C LYS A 202 -0.35 28.06 13.49
N THR A 203 0.30 29.13 13.94
CA THR A 203 1.34 28.99 14.95
C THR A 203 0.76 28.43 16.24
N GLY A 204 1.48 27.50 16.86
CA GLY A 204 0.95 26.79 18.01
C GLY A 204 -0.05 25.71 17.66
N ASP A 205 -0.22 25.39 16.38
CA ASP A 205 -1.18 24.40 15.93
C ASP A 205 -0.60 23.70 14.71
N ALA A 206 -1.42 22.90 14.05
CA ALA A 206 -0.96 22.09 12.93
C ALA A 206 -0.80 22.94 11.67
N ALA A 207 -0.18 22.32 10.66
CA ALA A 207 0.03 22.96 9.36
C ALA A 207 -0.22 21.93 8.27
N GLN A 208 -1.03 22.30 7.28
CA GLN A 208 -1.31 21.44 6.14
C GLN A 208 -0.33 21.77 5.03
N ILE A 209 0.41 20.76 4.57
CA ILE A 209 1.52 20.94 3.64
C ILE A 209 1.26 20.13 2.38
N VAL A 210 1.31 20.80 1.24
CA VAL A 210 1.27 20.16 -0.07
C VAL A 210 2.63 20.36 -0.71
N SER A 211 3.39 19.28 -0.85
CA SER A 211 4.72 19.33 -1.46
C SER A 211 4.64 18.78 -2.87
N GLY A 212 5.26 19.48 -3.81
CA GLY A 212 5.24 19.06 -5.20
C GLY A 212 6.62 18.99 -5.83
N ALA A 213 6.93 17.86 -6.44
CA ALA A 213 8.24 17.61 -7.03
C ALA A 213 8.11 17.41 -8.53
N GLY A 214 8.92 18.12 -9.30
CA GLY A 214 9.02 17.87 -10.72
C GLY A 214 10.41 17.41 -11.08
N ILE A 215 10.53 16.16 -11.53
CA ILE A 215 11.83 15.53 -11.74
C ILE A 215 12.10 15.48 -13.24
N ASN A 216 13.22 16.07 -13.65
CA ASN A 216 13.60 16.09 -15.06
C ASN A 216 14.08 14.70 -15.47
N LEU A 217 13.30 14.03 -16.31
CA LEU A 217 13.63 12.69 -16.78
C LEU A 217 14.13 12.66 -18.22
N VAL A 218 13.74 13.63 -19.04
CA VAL A 218 14.11 13.68 -20.45
C VAL A 218 14.79 15.01 -20.74
N MET A 219 15.70 14.98 -21.71
CA MET A 219 16.42 16.17 -22.15
C MET A 219 15.64 16.91 -23.23
N ARG A 220 15.55 18.23 -23.08
CA ARG A 220 14.91 19.07 -24.07
C ARG A 220 15.64 20.41 -24.19
N GLY A 230 22.11 25.05 -16.96
CA GLY A 230 21.85 25.07 -15.53
C GLY A 230 20.94 23.95 -15.08
N TRP A 231 20.30 23.28 -16.04
CA TRP A 231 19.37 22.19 -15.77
C TRP A 231 19.95 20.88 -16.27
N ILE A 232 19.61 19.79 -15.59
CA ILE A 232 20.04 18.46 -15.97
C ILE A 232 18.86 17.51 -15.89
N SER A 233 18.94 16.42 -16.63
CA SER A 233 17.91 15.40 -16.68
C SER A 233 18.50 14.04 -16.32
N LEU A 234 17.62 13.14 -15.89
CA LEU A 234 18.07 11.78 -15.60
C LEU A 234 18.47 11.03 -16.86
N GLN A 235 17.90 11.41 -18.01
CA GLN A 235 18.33 10.86 -19.28
C GLN A 235 19.79 11.19 -19.56
N GLU A 236 20.21 12.43 -19.25
CA GLU A 236 21.59 12.83 -19.48
C GLU A 236 22.58 12.09 -18.59
N ALA A 237 22.10 11.43 -17.53
CA ALA A 237 22.95 10.65 -16.64
C ALA A 237 22.98 9.17 -16.99
N GLY A 238 22.36 8.77 -18.10
CA GLY A 238 22.31 7.37 -18.45
C GLY A 238 21.39 6.54 -17.58
N VAL A 239 20.38 7.18 -16.98
CA VAL A 239 19.45 6.51 -16.07
C VAL A 239 18.06 6.58 -16.70
N VAL A 240 17.45 5.42 -16.89
CA VAL A 240 16.10 5.31 -17.44
C VAL A 240 15.23 4.57 -16.42
N ILE A 241 14.09 5.19 -16.07
CA ILE A 241 13.17 4.62 -15.09
C ILE A 241 11.77 4.70 -15.69
N ASP A 242 10.97 3.66 -15.45
CA ASP A 242 9.55 3.74 -15.77
C ASP A 242 8.87 4.75 -14.87
N ARG A 243 8.07 5.63 -15.47
CA ARG A 243 7.46 6.71 -14.69
C ARG A 243 6.48 6.16 -13.65
N ASN A 244 5.73 5.11 -14.01
CA ASN A 244 4.85 4.48 -13.04
C ASN A 244 5.64 3.90 -11.88
N LEU A 245 6.77 3.27 -12.18
CA LEU A 245 7.60 2.69 -11.11
C LEU A 245 8.21 3.77 -10.22
N LEU A 246 8.75 4.83 -10.83
CA LEU A 246 9.35 5.90 -10.04
C LEU A 246 8.33 6.59 -9.16
N ALA A 247 7.14 6.87 -9.70
CA ALA A 247 6.10 7.53 -8.91
C ALA A 247 5.68 6.66 -7.73
N ALA A 248 5.47 5.36 -7.98
CA ALA A 248 5.03 4.46 -6.91
C ALA A 248 6.08 4.34 -5.81
N ARG A 249 7.36 4.22 -6.19
CA ARG A 249 8.42 4.13 -5.19
C ARG A 249 8.53 5.41 -4.39
N LEU A 250 8.42 6.56 -5.04
CA LEU A 250 8.51 7.83 -4.34
C LEU A 250 7.37 8.00 -3.34
N ILE A 251 6.15 7.69 -3.76
CA ILE A 251 5.00 7.85 -2.88
C ILE A 251 5.13 6.93 -1.66
N LYS A 252 5.56 5.69 -1.87
CA LYS A 252 5.75 4.77 -0.76
C LYS A 252 6.83 5.27 0.20
N GLU A 253 7.99 5.66 -0.34
CA GLU A 253 9.09 6.09 0.51
C GLU A 253 8.78 7.43 1.18
N LEU A 254 8.12 8.34 0.47
CA LEU A 254 7.75 9.62 1.07
C LEU A 254 6.80 9.41 2.25
N ARG A 255 5.82 8.52 2.09
CA ARG A 255 4.91 8.21 3.19
C ARG A 255 5.67 7.62 4.38
N LEU A 256 6.55 6.66 4.11
CA LEU A 256 7.35 6.06 5.17
C LEU A 256 8.30 7.08 5.78
N GLY A 257 8.99 7.85 4.95
CA GLY A 257 9.92 8.84 5.45
C GLY A 257 9.24 9.93 6.28
N LEU A 258 8.08 10.40 5.82
CA LEU A 258 7.38 11.46 6.53
C LEU A 258 6.83 10.97 7.87
N GLU A 259 6.31 9.73 7.90
CA GLU A 259 5.80 9.20 9.16
C GLU A 259 6.93 8.95 10.16
N LEU A 260 8.11 8.55 9.68
CA LEU A 260 9.26 8.45 10.57
C LEU A 260 9.64 9.82 11.11
N PHE A 261 9.59 10.84 10.27
CA PHE A 261 9.84 12.22 10.71
C PHE A 261 8.80 12.66 11.74
N GLU A 262 7.57 12.16 11.63
CA GLU A 262 6.52 12.55 12.58
C GLU A 262 6.81 12.03 13.98
N GLN A 263 7.36 10.83 14.10
CA GLN A 263 7.54 10.21 15.41
C GLN A 263 8.95 10.31 15.96
N GLU A 264 9.96 10.54 15.12
CA GLU A 264 11.34 10.62 15.58
C GLU A 264 12.01 11.95 15.26
N GLY A 265 11.34 12.85 14.56
CA GLY A 265 11.91 14.14 14.27
C GLY A 265 12.97 14.08 13.18
N LEU A 266 13.83 15.10 13.18
CA LEU A 266 14.90 15.21 12.21
C LEU A 266 16.13 14.39 12.58
N ALA A 267 16.18 13.81 13.77
CA ALA A 267 17.38 13.11 14.22
C ALA A 267 17.82 12.00 13.28
N PRO A 268 16.95 11.10 12.81
CA PRO A 268 17.43 10.06 11.88
C PRO A 268 18.00 10.61 10.59
N TYR A 269 17.54 11.77 10.14
CA TYR A 269 17.91 12.30 8.83
C TYR A 269 19.14 13.20 8.87
N LEU A 270 19.62 13.58 10.06
CA LEU A 270 20.78 14.46 10.12
C LEU A 270 22.02 13.86 9.48
N PRO A 271 22.45 12.63 9.81
CA PRO A 271 23.58 12.05 9.06
C PRO A 271 23.28 11.83 7.59
N ARG A 272 22.03 11.52 7.25
CA ARG A 272 21.66 11.29 5.86
C ARG A 272 21.72 12.59 5.05
N TRP A 273 21.35 13.71 5.66
CA TRP A 273 21.44 14.99 4.97
C TRP A 273 22.89 15.34 4.62
N GLU A 274 23.82 15.06 5.53
CA GLU A 274 25.23 15.39 5.28
C GLU A 274 25.76 14.65 4.06
N LYS A 275 25.41 13.36 3.93
CA LYS A 275 25.88 12.58 2.79
C LYS A 275 25.31 13.10 1.47
N LEU A 276 24.21 13.86 1.50
CA LEU A 276 23.52 14.27 0.30
C LEU A 276 23.58 15.78 0.04
N ASP A 277 24.05 16.57 1.00
CA ASP A 277 24.10 18.02 0.82
C ASP A 277 25.07 18.38 -0.30
N ASN A 278 24.55 19.06 -1.33
CA ASN A 278 25.37 19.44 -2.47
C ASN A 278 26.27 20.63 -2.19
N PHE A 279 25.99 21.40 -1.14
CA PHE A 279 26.68 22.66 -0.90
C PHE A 279 27.37 22.75 0.45
N ILE A 280 27.37 21.68 1.24
CA ILE A 280 28.02 21.73 2.54
C ILE A 280 29.52 21.95 2.36
N HIS A 281 30.09 22.81 3.21
CA HIS A 281 31.51 23.15 3.20
C HIS A 281 31.94 23.77 1.88
N ARG A 282 31.04 24.51 1.24
CA ARG A 282 31.31 25.17 -0.04
C ARG A 282 30.88 26.62 0.03
N PRO A 283 31.53 27.49 -0.74
CA PRO A 283 31.06 28.89 -0.81
C PRO A 283 29.69 28.95 -1.47
N VAL A 284 28.74 29.58 -0.78
CA VAL A 284 27.35 29.58 -1.21
C VAL A 284 26.79 30.99 -1.13
N LYS A 285 25.57 31.15 -1.65
CA LYS A 285 24.84 32.40 -1.60
C LYS A 285 23.49 32.13 -0.94
N LEU A 286 23.21 32.84 0.15
CA LEU A 286 21.93 32.73 0.82
C LEU A 286 21.05 33.87 0.34
N ILE A 287 19.93 33.53 -0.31
CA ILE A 287 19.05 34.51 -0.93
C ILE A 287 17.75 34.54 -0.14
N ILE A 288 17.45 35.70 0.43
CA ILE A 288 16.18 35.96 1.11
C ILE A 288 15.59 37.21 0.49
N GLY A 289 14.43 37.08 -0.15
CA GLY A 289 13.89 38.18 -0.92
C GLY A 289 14.83 38.54 -2.05
N ASP A 290 15.18 39.82 -2.15
CA ASP A 290 16.19 40.28 -3.08
C ASP A 290 17.57 40.42 -2.44
N LYS A 291 17.70 40.09 -1.16
CA LYS A 291 18.98 40.15 -0.48
C LYS A 291 19.88 39.00 -0.89
N GLU A 292 21.18 39.20 -0.73
CA GLU A 292 22.19 38.18 -1.01
C GLU A 292 23.18 38.15 0.15
N ILE A 293 23.18 37.06 0.90
CA ILE A 293 24.08 36.87 2.03
C ILE A 293 25.13 35.84 1.62
N TYR A 294 26.40 36.18 1.82
CA TYR A 294 27.52 35.37 1.36
C TYR A 294 28.20 34.67 2.53
N GLY A 295 28.57 33.41 2.29
CA GLY A 295 29.27 32.65 3.32
C GLY A 295 29.51 31.23 2.86
N ILE A 296 30.05 30.43 3.76
CA ILE A 296 30.29 29.00 3.54
C ILE A 296 29.24 28.21 4.30
N SER A 297 28.54 27.33 3.61
CA SER A 297 27.54 26.48 4.27
C SER A 297 28.23 25.41 5.10
N ARG A 298 27.74 25.23 6.32
CA ARG A 298 28.24 24.20 7.22
C ARG A 298 27.17 23.19 7.59
N GLY A 299 26.24 22.92 6.66
CA GLY A 299 25.20 21.95 6.88
C GLY A 299 23.96 22.50 7.55
N ILE A 300 23.26 21.66 8.31
CA ILE A 300 22.07 22.06 9.03
C ILE A 300 22.24 21.73 10.51
N ASP A 301 21.37 22.31 11.33
CA ASP A 301 21.32 21.97 12.75
C ASP A 301 20.27 20.90 12.99
N ALA A 302 20.09 20.56 14.27
CA ALA A 302 19.14 19.50 14.64
C ALA A 302 17.69 19.88 14.38
N GLN A 303 17.40 21.16 14.14
CA GLN A 303 16.04 21.62 13.87
C GLN A 303 15.83 21.96 12.40
N GLY A 304 16.80 21.69 11.54
CA GLY A 304 16.69 21.95 10.12
C GLY A 304 17.12 23.32 9.65
N ALA A 305 17.56 24.19 10.56
CA ALA A 305 18.03 25.52 10.16
C ALA A 305 19.38 25.41 9.46
N LEU A 306 19.57 26.25 8.45
CA LEU A 306 20.83 26.28 7.72
C LEU A 306 21.94 26.89 8.59
N LEU A 307 23.08 26.19 8.64
CA LEU A 307 24.26 26.71 9.38
C LEU A 307 25.19 27.36 8.36
N LEU A 308 25.27 28.68 8.35
CA LEU A 308 26.04 29.46 7.39
C LEU A 308 27.19 30.14 8.10
N GLU A 309 28.42 29.89 7.63
CA GLU A 309 29.60 30.49 8.22
C GLU A 309 29.97 31.76 7.46
N GLN A 310 29.94 32.90 8.14
CA GLN A 310 30.41 34.16 7.59
C GLN A 310 31.44 34.74 8.55
N ASP A 311 32.64 35.01 8.04
CA ASP A 311 33.72 35.62 8.81
C ASP A 311 34.05 34.82 10.07
N GLY A 312 34.04 33.50 9.94
CA GLY A 312 34.42 32.62 11.05
C GLY A 312 33.32 32.33 12.04
N VAL A 313 32.14 32.91 11.89
CA VAL A 313 31.03 32.74 12.81
C VAL A 313 29.92 31.97 12.09
N ILE A 314 29.45 30.89 12.72
CA ILE A 314 28.42 30.05 12.14
C ILE A 314 27.10 30.41 12.80
N LYS A 315 26.16 30.92 12.01
CA LYS A 315 24.86 31.34 12.49
C LYS A 315 23.77 30.53 11.80
N ALA A 316 22.70 30.25 12.54
CA ALA A 316 21.59 29.46 12.05
C ALA A 316 20.55 30.36 11.40
N TRP A 317 20.10 29.98 10.21
CA TRP A 317 19.09 30.70 9.46
C TRP A 317 17.87 29.81 9.26
N VAL A 318 16.69 30.40 9.45
CA VAL A 318 15.43 29.65 9.37
C VAL A 318 14.68 29.95 8.08
N GLY A 319 15.31 30.61 7.11
CA GLY A 319 14.62 30.92 5.87
C GLY A 319 15.59 31.20 4.75
N GLY A 320 15.03 31.30 3.55
CA GLY A 320 15.80 31.61 2.37
C GLY A 320 16.13 30.39 1.53
N GLU A 321 16.87 30.64 0.46
CA GLU A 321 17.30 29.61 -0.48
C GLU A 321 18.82 29.65 -0.59
N ILE A 322 19.42 28.49 -0.80
CA ILE A 322 20.86 28.37 -0.98
C ILE A 322 21.17 28.34 -2.48
N SER A 323 22.11 29.16 -2.91
CA SER A 323 22.58 29.18 -4.29
C SER A 323 24.09 29.10 -4.28
N LEU A 324 24.68 28.99 -5.48
CA LEU A 324 26.10 28.78 -5.61
C LEU A 324 26.82 30.06 -6.03
N ARG A 325 28.06 30.20 -5.57
CA ARG A 325 28.90 31.33 -5.93
C ARG A 325 30.34 30.86 -6.14
N LYS B 10 -11.55 20.04 -18.18
CA LYS B 10 -11.96 20.27 -19.55
C LYS B 10 -11.89 18.96 -20.31
N ASP B 11 -12.80 18.79 -21.28
CA ASP B 11 -12.84 17.55 -22.05
C ASP B 11 -11.69 17.53 -23.04
N HIS B 12 -10.73 16.62 -22.82
CA HIS B 12 -9.60 16.40 -23.71
C HIS B 12 -9.63 14.97 -24.26
N THR B 13 -10.83 14.40 -24.41
CA THR B 13 -10.95 12.99 -24.75
C THR B 13 -10.24 12.64 -26.05
N ILE B 14 -10.41 13.46 -27.08
CA ILE B 14 -9.85 13.13 -28.39
C ILE B 14 -8.32 13.20 -28.35
N PRO B 15 -7.69 14.28 -27.87
CA PRO B 15 -6.22 14.27 -27.75
C PRO B 15 -5.69 13.18 -26.85
N LEU B 16 -6.43 12.81 -25.79
CA LEU B 16 -5.95 11.76 -24.89
C LEU B 16 -6.05 10.39 -25.53
N THR B 17 -7.14 10.13 -26.27
CA THR B 17 -7.20 8.89 -27.04
C THR B 17 -6.12 8.87 -28.11
N LEU B 18 -5.85 10.03 -28.72
CA LEU B 18 -4.85 10.11 -29.78
C LEU B 18 -3.46 9.72 -29.29
N ILE B 19 -3.08 10.19 -28.09
CA ILE B 19 -1.73 9.92 -27.61
C ILE B 19 -1.60 8.47 -27.15
N SER B 20 -2.70 7.84 -26.72
CA SER B 20 -2.64 6.44 -26.35
C SER B 20 -2.45 5.54 -27.57
N ILE B 21 -2.97 5.95 -28.73
CA ILE B 21 -2.76 5.18 -29.95
C ILE B 21 -1.34 5.34 -30.49
N LEU B 22 -0.65 6.43 -30.17
CA LEU B 22 0.71 6.66 -30.63
C LEU B 22 1.77 6.31 -29.60
N ALA B 23 1.37 5.89 -28.40
CA ALA B 23 2.36 5.65 -27.35
C ALA B 23 3.30 4.50 -27.68
N ASP B 24 2.92 3.64 -28.65
CA ASP B 24 3.79 2.54 -29.04
C ASP B 24 5.05 3.02 -29.76
N GLY B 25 5.05 4.23 -30.30
CA GLY B 25 6.19 4.72 -31.06
C GLY B 25 6.22 4.30 -32.51
N GLU B 26 5.27 3.49 -32.96
CA GLU B 26 5.23 3.01 -34.33
C GLU B 26 4.55 4.02 -35.25
N PHE B 27 4.58 3.74 -36.56
CA PHE B 27 4.00 4.65 -37.53
C PHE B 27 2.48 4.51 -37.55
N HIS B 28 1.80 5.65 -37.67
CA HIS B 28 0.35 5.70 -37.57
C HIS B 28 -0.17 6.64 -38.66
N SER B 29 -0.96 6.09 -39.57
CA SER B 29 -1.44 6.85 -40.71
C SER B 29 -2.70 7.64 -40.38
N GLY B 30 -2.81 8.84 -40.98
CA GLY B 30 -3.97 9.68 -40.74
C GLY B 30 -5.29 9.02 -41.11
N GLU B 31 -5.26 8.11 -42.09
CA GLU B 31 -6.46 7.35 -42.45
C GLU B 31 -6.85 6.41 -41.31
N GLN B 32 -5.90 5.61 -40.82
CA GLN B 32 -6.20 4.68 -39.74
C GLN B 32 -6.62 5.42 -38.48
N LEU B 33 -5.96 6.53 -38.21
CA LEU B 33 -6.35 7.34 -37.04
C LEU B 33 -7.79 7.79 -37.25
N GLY B 34 -8.09 8.35 -38.42
CA GLY B 34 -9.43 8.83 -38.69
C GLY B 34 -10.47 7.75 -38.52
N GLU B 35 -10.16 6.52 -38.95
CA GLU B 35 -11.06 5.39 -38.74
C GLU B 35 -11.30 5.15 -37.26
N GLN B 36 -10.22 5.01 -36.49
CA GLN B 36 -10.34 4.73 -35.06
C GLN B 36 -11.06 5.86 -34.33
N LEU B 37 -10.62 7.11 -34.56
CA LEU B 37 -11.18 8.25 -33.85
C LEU B 37 -12.50 8.73 -34.44
N GLY B 38 -12.87 8.26 -35.64
CA GLY B 38 -14.10 8.70 -36.27
C GLY B 38 -14.10 10.17 -36.64
N MET B 39 -13.00 10.64 -37.24
CA MET B 39 -12.84 12.05 -37.56
C MET B 39 -12.17 12.18 -38.92
N SER B 40 -12.26 13.39 -39.48
CA SER B 40 -11.65 13.67 -40.77
C SER B 40 -10.12 13.70 -40.66
N ARG B 41 -9.46 13.78 -41.81
CA ARG B 41 -8.01 13.84 -41.81
C ARG B 41 -7.50 15.20 -41.39
N ALA B 42 -8.23 16.27 -41.73
CA ALA B 42 -7.83 17.60 -41.27
C ALA B 42 -8.06 17.75 -39.77
N ALA B 43 -9.17 17.23 -39.26
CA ALA B 43 -9.43 17.28 -37.83
C ALA B 43 -8.49 16.37 -37.05
N ILE B 44 -8.13 15.23 -37.63
CA ILE B 44 -7.11 14.38 -37.02
C ILE B 44 -5.80 15.15 -36.90
N ASN B 45 -5.44 15.89 -37.95
CA ASN B 45 -4.24 16.71 -37.90
C ASN B 45 -4.36 17.80 -36.83
N LYS B 46 -5.56 18.38 -36.69
CA LYS B 46 -5.75 19.43 -35.70
C LYS B 46 -5.57 18.90 -34.28
N HIS B 47 -6.03 17.68 -34.01
CA HIS B 47 -5.85 17.14 -32.67
C HIS B 47 -4.43 16.63 -32.45
N ILE B 48 -3.72 16.26 -33.52
CA ILE B 48 -2.28 16.12 -33.44
C ILE B 48 -1.65 17.46 -33.10
N GLN B 49 -2.23 18.54 -33.62
CA GLN B 49 -1.67 19.87 -33.40
C GLN B 49 -1.79 20.29 -31.94
N THR B 50 -2.89 19.93 -31.28
CA THR B 50 -3.03 20.20 -29.85
C THR B 50 -1.97 19.46 -29.05
N LEU B 51 -1.67 18.22 -29.42
CA LEU B 51 -0.68 17.44 -28.67
C LEU B 51 0.69 18.06 -28.71
N ARG B 52 1.10 18.61 -29.85
CA ARG B 52 2.40 19.27 -29.93
C ARG B 52 2.43 20.55 -29.10
N ASP B 53 1.28 21.22 -28.97
CA ASP B 53 1.17 22.36 -28.06
C ASP B 53 1.27 21.94 -26.61
N TRP B 54 1.16 20.65 -26.30
CA TRP B 54 1.33 20.12 -24.96
C TRP B 54 2.77 19.67 -24.70
N GLY B 55 3.68 19.91 -25.64
CA GLY B 55 5.07 19.54 -25.47
C GLY B 55 5.42 18.14 -25.91
N VAL B 56 4.58 17.50 -26.71
CA VAL B 56 4.84 16.13 -27.18
C VAL B 56 5.52 16.21 -28.53
N ASP B 57 6.69 15.58 -28.64
CA ASP B 57 7.38 15.52 -29.92
C ASP B 57 6.69 14.53 -30.83
N VAL B 58 6.18 15.02 -31.96
CA VAL B 58 5.44 14.21 -32.92
C VAL B 58 6.09 14.39 -34.29
N PHE B 59 6.37 13.28 -34.95
CA PHE B 59 6.97 13.31 -36.29
C PHE B 59 5.85 13.18 -37.30
N THR B 60 5.79 14.12 -38.24
CA THR B 60 4.75 14.19 -39.25
C THR B 60 5.36 13.79 -40.59
N VAL B 61 5.08 12.56 -41.03
CA VAL B 61 5.56 12.12 -42.32
C VAL B 61 4.58 12.76 -43.29
N PRO B 62 5.04 13.58 -44.24
CA PRO B 62 4.12 14.41 -45.03
C PRO B 62 3.20 13.57 -45.90
N GLY B 63 1.90 13.71 -45.68
CA GLY B 63 0.90 13.05 -46.49
C GLY B 63 0.60 11.62 -46.11
N LYS B 64 1.30 11.06 -45.13
CA LYS B 64 1.14 9.66 -44.78
C LYS B 64 0.72 9.42 -43.34
N GLY B 65 1.16 10.24 -42.40
CA GLY B 65 0.70 10.13 -41.02
C GLY B 65 1.78 10.50 -40.03
N TYR B 66 1.55 10.07 -38.78
CA TYR B 66 2.33 10.47 -37.63
C TYR B 66 3.00 9.29 -36.92
N SER B 67 4.07 9.61 -36.20
CA SER B 67 4.78 8.64 -35.38
C SER B 67 5.47 9.39 -34.24
N LEU B 68 5.56 8.73 -33.09
CA LEU B 68 6.29 9.27 -31.95
C LEU B 68 7.77 8.96 -32.08
N PRO B 69 8.66 9.82 -31.55
CA PRO B 69 10.10 9.56 -31.74
C PRO B 69 10.54 8.24 -31.11
N GLU B 70 10.02 7.93 -29.93
CA GLU B 70 10.34 6.73 -29.18
C GLU B 70 9.10 6.36 -28.39
N PRO B 71 8.87 5.08 -28.09
CA PRO B 71 7.68 4.69 -27.32
C PRO B 71 7.68 5.32 -25.95
N ILE B 72 6.50 5.75 -25.51
CA ILE B 72 6.32 6.36 -24.19
C ILE B 72 5.35 5.49 -23.39
N HIS B 73 5.60 5.38 -22.10
CA HIS B 73 4.78 4.59 -21.20
C HIS B 73 3.97 5.56 -20.33
N LEU B 74 2.65 5.45 -20.40
CA LEU B 74 1.77 6.41 -19.77
C LEU B 74 1.51 6.02 -18.31
N LEU B 75 1.09 7.01 -17.53
CA LEU B 75 0.78 6.76 -16.13
C LEU B 75 -0.52 5.99 -16.00
N ASP B 76 -0.52 4.98 -15.13
CA ASP B 76 -1.70 4.17 -14.87
C ASP B 76 -1.88 4.06 -13.36
N GLU B 77 -3.10 4.32 -12.89
CA GLU B 77 -3.37 4.22 -11.46
C GLU B 77 -3.18 2.80 -10.96
N LYS B 78 -3.67 1.81 -11.72
CA LYS B 78 -3.58 0.42 -11.29
C LYS B 78 -2.12 -0.04 -11.24
N LYS B 79 -1.32 0.34 -12.24
CA LYS B 79 0.08 -0.04 -12.24
C LYS B 79 0.84 0.61 -11.09
N ILE B 80 0.57 1.90 -10.83
CA ILE B 80 1.24 2.60 -9.73
C ILE B 80 0.84 2.02 -8.39
N SER B 81 -0.45 1.76 -8.20
CA SER B 81 -0.92 1.24 -6.91
C SER B 81 -0.33 -0.12 -6.60
N GLN B 82 -0.23 -0.99 -7.61
CA GLN B 82 0.31 -2.34 -7.37
C GLN B 82 1.76 -2.27 -6.92
N GLU B 83 2.57 -1.43 -7.56
CA GLU B 83 3.95 -1.28 -7.12
C GLU B 83 4.02 -0.68 -5.72
N ILE B 84 3.06 0.19 -5.39
CA ILE B 84 2.97 0.72 -4.03
C ILE B 84 2.54 -0.38 -3.06
N ASP B 85 1.67 -1.30 -3.51
CA ASP B 85 0.98 -2.25 -2.66
C ASP B 85 1.50 -3.69 -2.74
N HIS B 86 2.09 -4.09 -3.87
CA HIS B 86 2.36 -5.50 -4.16
C HIS B 86 1.13 -6.36 -3.86
N GLY B 87 0.03 -6.02 -4.51
CA GLY B 87 -1.20 -6.80 -4.37
C GLY B 87 -2.45 -5.95 -4.26
N ARG B 88 -3.57 -6.50 -4.71
CA ARG B 88 -4.87 -5.87 -4.57
C ARG B 88 -5.67 -6.55 -3.45
N VAL B 89 -6.78 -5.92 -3.07
CA VAL B 89 -7.65 -6.44 -2.02
C VAL B 89 -9.10 -6.33 -2.49
N THR B 90 -9.88 -7.39 -2.25
CA THR B 90 -11.28 -7.43 -2.61
C THR B 90 -12.09 -7.84 -1.38
N VAL B 91 -13.14 -7.09 -1.08
CA VAL B 91 -14.06 -7.40 0.01
C VAL B 91 -15.31 -8.04 -0.58
N LEU B 92 -15.65 -9.24 -0.09
CA LEU B 92 -16.83 -9.97 -0.55
C LEU B 92 -17.81 -10.10 0.59
N PRO B 93 -19.03 -9.57 0.46
CA PRO B 93 -20.02 -9.78 1.53
C PRO B 93 -20.38 -11.25 1.74
N VAL B 94 -20.71 -11.96 0.66
CA VAL B 94 -21.09 -13.37 0.72
C VAL B 94 -20.24 -14.14 -0.28
N ILE B 95 -19.67 -15.26 0.17
CA ILE B 95 -18.86 -16.12 -0.69
C ILE B 95 -18.90 -17.52 -0.09
N ASP B 96 -18.63 -18.53 -0.92
CA ASP B 96 -18.54 -19.89 -0.40
C ASP B 96 -17.29 -20.03 0.48
N SER B 97 -16.16 -19.56 -0.02
CA SER B 97 -14.91 -19.55 0.75
C SER B 97 -13.98 -18.53 0.13
N THR B 98 -13.25 -17.82 0.98
CA THR B 98 -12.23 -16.89 0.48
C THR B 98 -11.10 -17.62 -0.24
N ASN B 99 -10.74 -18.81 0.24
CA ASN B 99 -9.75 -19.61 -0.47
C ASN B 99 -10.25 -19.99 -1.86
N GLN B 100 -11.53 -20.39 -1.97
CA GLN B 100 -12.08 -20.78 -3.26
C GLN B 100 -12.17 -19.60 -4.22
N TYR B 101 -12.45 -18.40 -3.70
CA TYR B 101 -12.55 -17.23 -4.56
C TYR B 101 -11.22 -16.97 -5.27
N LEU B 102 -10.11 -17.03 -4.54
CA LEU B 102 -8.81 -16.84 -5.15
C LEU B 102 -8.43 -18.03 -6.02
N LEU B 103 -8.76 -19.24 -5.58
CA LEU B 103 -8.45 -20.44 -6.37
C LEU B 103 -9.16 -20.42 -7.71
N ASP B 104 -10.38 -19.89 -7.75
CA ASP B 104 -11.12 -19.78 -9.00
C ASP B 104 -10.50 -18.77 -9.95
N ARG B 105 -9.62 -17.90 -9.46
CA ARG B 105 -9.04 -16.83 -10.27
C ARG B 105 -7.52 -16.89 -10.29
N LEU B 106 -6.94 -18.10 -10.13
CA LEU B 106 -5.50 -18.24 -10.05
C LEU B 106 -4.80 -17.67 -11.29
N ASP B 107 -5.43 -17.78 -12.46
CA ASP B 107 -4.80 -17.30 -13.69
C ASP B 107 -4.67 -15.78 -13.73
N GLU B 108 -5.39 -15.06 -12.87
CA GLU B 108 -5.43 -13.61 -12.91
C GLU B 108 -4.83 -12.95 -11.68
N LEU B 109 -4.25 -13.71 -10.77
CA LEU B 109 -3.72 -13.19 -9.53
C LEU B 109 -2.23 -12.92 -9.63
N THR B 110 -1.76 -11.97 -8.84
CA THR B 110 -0.34 -11.72 -8.64
C THR B 110 -0.04 -11.81 -7.14
N SER B 111 1.21 -12.14 -6.82
CA SER B 111 1.62 -12.34 -5.43
C SER B 111 1.25 -11.14 -4.58
N GLY B 112 0.43 -11.36 -3.56
CA GLY B 112 -0.01 -10.33 -2.66
C GLY B 112 -1.50 -10.03 -2.75
N ASP B 113 -2.18 -10.49 -3.81
CA ASP B 113 -3.61 -10.27 -3.92
C ASP B 113 -4.34 -10.92 -2.74
N ALA B 114 -5.23 -10.16 -2.11
CA ALA B 114 -5.88 -10.58 -0.88
C ALA B 114 -7.39 -10.53 -1.04
N CYS B 115 -8.09 -11.07 -0.04
CA CYS B 115 -9.53 -11.26 -0.13
C CYS B 115 -10.10 -11.44 1.27
N VAL B 116 -11.00 -10.55 1.68
CA VAL B 116 -11.66 -10.62 2.98
C VAL B 116 -13.16 -10.75 2.75
N ALA B 117 -13.80 -11.60 3.55
CA ALA B 117 -15.23 -11.83 3.43
C ALA B 117 -15.90 -11.60 4.78
N GLU B 118 -17.16 -11.17 4.73
CA GLU B 118 -17.98 -11.02 5.93
C GLU B 118 -18.66 -12.32 6.32
N TYR B 119 -19.06 -13.12 5.34
CA TYR B 119 -19.76 -14.37 5.58
C TYR B 119 -19.28 -15.40 4.56
N GLN B 120 -18.90 -16.58 5.05
CA GLN B 120 -18.48 -17.68 4.20
C GLN B 120 -19.56 -18.75 4.23
N GLN B 121 -20.07 -19.13 3.06
CA GLN B 121 -21.18 -20.11 3.01
C GLN B 121 -20.65 -21.52 3.25
N ALA B 122 -19.38 -21.76 2.90
CA ALA B 122 -18.80 -23.11 3.05
C ALA B 122 -17.33 -23.00 3.44
N GLY B 123 -17.03 -22.26 4.51
CA GLY B 123 -15.65 -22.17 4.99
C GLY B 123 -15.07 -23.55 5.20
N ARG B 124 -13.79 -23.72 4.89
CA ARG B 124 -13.22 -25.08 4.95
C ARG B 124 -12.03 -25.20 5.90
N GLY B 125 -11.95 -26.29 6.63
CA GLY B 125 -10.80 -26.62 7.46
C GLY B 125 -9.80 -27.45 6.69
N ARG B 126 -8.89 -28.08 7.44
CA ARG B 126 -7.80 -28.80 6.81
C ARG B 126 -8.22 -30.19 6.35
N ARG B 127 -8.73 -31.01 7.28
CA ARG B 127 -9.04 -32.41 6.97
C ARG B 127 -10.48 -32.59 6.53
N GLY B 128 -10.93 -31.74 5.61
CA GLY B 128 -12.32 -31.78 5.21
C GLY B 128 -13.27 -31.21 6.23
N ARG B 129 -12.74 -30.61 7.30
CA ARG B 129 -13.57 -29.96 8.30
C ARG B 129 -14.19 -28.68 7.75
N LYS B 130 -15.19 -28.19 8.46
CA LYS B 130 -15.95 -27.01 8.06
C LYS B 130 -15.65 -25.88 9.01
N TRP B 131 -15.28 -24.72 8.47
CA TRP B 131 -15.02 -23.53 9.28
C TRP B 131 -16.30 -22.74 9.43
N PHE B 132 -16.80 -22.64 10.67
CA PHE B 132 -18.01 -21.88 10.94
C PHE B 132 -17.69 -20.39 10.84
N SER B 133 -18.35 -19.71 9.89
CA SER B 133 -18.06 -18.31 9.58
C SER B 133 -19.35 -17.50 9.61
N PRO B 134 -19.82 -17.13 10.80
CA PRO B 134 -21.00 -16.27 10.88
C PRO B 134 -20.73 -14.89 10.31
N PHE B 135 -21.80 -14.26 9.82
CA PHE B 135 -21.66 -12.96 9.15
C PHE B 135 -21.15 -11.90 10.10
N GLY B 136 -20.12 -11.17 9.66
CA GLY B 136 -19.66 -9.98 10.35
C GLY B 136 -19.22 -10.19 11.78
N ALA B 137 -18.71 -11.37 12.11
CA ALA B 137 -18.28 -11.69 13.46
C ALA B 137 -16.78 -11.83 13.59
N ASN B 138 -16.17 -12.68 12.77
CA ASN B 138 -14.74 -12.95 12.81
C ASN B 138 -14.11 -12.56 11.47
N LEU B 139 -12.79 -12.73 11.38
CA LEU B 139 -12.05 -12.38 10.19
C LEU B 139 -11.86 -13.60 9.32
N TYR B 140 -12.23 -13.48 8.04
CA TYR B 140 -12.08 -14.54 7.05
C TYR B 140 -11.26 -13.98 5.89
N LEU B 141 -9.94 -14.21 5.94
CA LEU B 141 -8.99 -13.60 5.04
C LEU B 141 -8.25 -14.66 4.23
N SER B 142 -7.91 -14.33 2.98
CA SER B 142 -7.08 -15.18 2.15
C SER B 142 -6.17 -14.31 1.29
N MET B 143 -5.02 -14.87 0.93
CA MET B 143 -4.06 -14.18 0.08
C MET B 143 -3.37 -15.18 -0.83
N TYR B 144 -3.05 -14.75 -2.04
CA TYR B 144 -2.36 -15.56 -3.04
C TYR B 144 -0.86 -15.24 -3.00
N TRP B 145 -0.06 -16.24 -3.38
CA TRP B 145 1.39 -16.05 -3.50
C TRP B 145 1.95 -17.12 -4.41
N ARG B 146 2.75 -16.69 -5.39
CA ARG B 146 3.48 -17.61 -6.26
C ARG B 146 4.90 -17.73 -5.74
N LEU B 147 5.31 -18.95 -5.41
CA LEU B 147 6.66 -19.22 -4.94
C LEU B 147 7.47 -19.84 -6.07
N GLU B 148 8.57 -19.17 -6.45
CA GLU B 148 9.41 -19.69 -7.52
C GLU B 148 10.04 -21.03 -7.14
N GLN B 149 10.30 -21.25 -5.86
CA GLN B 149 10.76 -22.55 -5.40
C GLN B 149 9.61 -23.56 -5.48
N GLY B 150 9.92 -24.81 -5.18
CA GLY B 150 8.99 -25.87 -5.41
C GLY B 150 7.80 -25.83 -4.46
N PRO B 151 6.91 -26.82 -4.60
CA PRO B 151 5.80 -26.94 -3.65
C PRO B 151 6.26 -27.21 -2.22
N ALA B 152 7.49 -27.70 -2.03
CA ALA B 152 8.02 -27.92 -0.69
C ALA B 152 8.32 -26.62 0.04
N ALA B 153 8.37 -25.49 -0.68
CA ALA B 153 8.56 -24.20 -0.03
C ALA B 153 7.31 -23.72 0.69
N ALA B 154 6.18 -24.40 0.51
CA ALA B 154 4.95 -24.01 1.20
C ALA B 154 5.02 -24.26 2.69
N ILE B 155 5.95 -25.10 3.15
CA ILE B 155 6.13 -25.30 4.58
C ILE B 155 6.64 -24.01 5.22
N GLY B 156 7.68 -23.41 4.63
CA GLY B 156 8.12 -22.11 5.10
C GLY B 156 7.07 -21.03 4.94
N LEU B 157 6.32 -21.09 3.83
CA LEU B 157 5.16 -20.23 3.64
C LEU B 157 4.26 -20.24 4.88
N SER B 158 3.79 -21.43 5.26
CA SER B 158 2.90 -21.54 6.40
C SER B 158 3.56 -21.08 7.70
N LEU B 159 4.84 -21.40 7.87
CA LEU B 159 5.55 -20.98 9.08
C LEU B 159 5.68 -19.46 9.15
N VAL B 160 6.00 -18.83 8.02
CA VAL B 160 6.12 -17.37 8.00
C VAL B 160 4.76 -16.73 8.28
N ILE B 161 3.70 -17.27 7.70
CA ILE B 161 2.36 -16.75 7.92
C ILE B 161 2.00 -16.81 9.41
N GLY B 162 2.28 -17.95 10.05
CA GLY B 162 2.00 -18.07 11.47
C GLY B 162 2.77 -17.06 12.30
N ILE B 163 4.05 -16.86 11.97
CA ILE B 163 4.86 -15.88 12.69
C ILE B 163 4.30 -14.48 12.50
N VAL B 164 3.96 -14.13 11.26
CA VAL B 164 3.47 -12.78 10.98
C VAL B 164 2.15 -12.51 11.69
N ILE B 165 1.22 -13.47 11.59
CA ILE B 165 -0.10 -13.29 12.21
C ILE B 165 0.03 -13.19 13.72
N ALA B 166 0.81 -14.10 14.32
CA ALA B 166 1.01 -14.07 15.77
C ALA B 166 1.67 -12.76 16.20
N GLU B 167 2.67 -12.31 15.45
CA GLU B 167 3.35 -11.06 15.80
C GLU B 167 2.38 -9.88 15.74
N VAL B 168 1.56 -9.82 14.69
CA VAL B 168 0.62 -8.70 14.56
C VAL B 168 -0.36 -8.67 15.74
N LEU B 169 -0.85 -9.85 16.15
CA LEU B 169 -1.71 -9.92 17.32
C LEU B 169 -0.96 -9.47 18.58
N GLN B 170 0.33 -9.81 18.67
CA GLN B 170 1.12 -9.41 19.83
C GLN B 170 1.27 -7.89 19.90
N GLN B 171 1.50 -7.23 18.76
CA GLN B 171 1.59 -5.77 18.78
C GLN B 171 0.25 -5.11 19.12
N LEU B 172 -0.83 -5.90 19.15
CA LEU B 172 -2.18 -5.32 19.40
C LEU B 172 -2.65 -5.66 20.81
N GLY B 173 -1.83 -6.35 21.61
CA GLY B 173 -2.17 -6.58 22.99
C GLY B 173 -2.02 -8.01 23.49
N ALA B 174 -2.35 -8.98 22.64
CA ALA B 174 -2.32 -10.39 23.02
C ALA B 174 -0.88 -10.88 23.00
N GLU B 175 -0.20 -10.73 24.14
CA GLU B 175 1.23 -11.02 24.24
C GLU B 175 1.55 -12.50 24.37
N GLN B 176 0.56 -13.36 24.64
CA GLN B 176 0.80 -14.79 24.84
C GLN B 176 0.36 -15.62 23.64
N VAL B 177 0.26 -15.01 22.47
CA VAL B 177 -0.14 -15.73 21.25
C VAL B 177 1.03 -16.57 20.76
N ARG B 178 0.74 -17.82 20.43
CA ARG B 178 1.75 -18.76 19.99
C ARG B 178 1.30 -19.44 18.70
N VAL B 179 2.24 -20.13 18.05
CA VAL B 179 2.00 -20.73 16.76
C VAL B 179 2.08 -22.26 16.89
N LYS B 180 1.52 -22.94 15.89
CA LYS B 180 1.51 -24.40 15.84
C LYS B 180 2.02 -24.86 14.49
N TRP B 181 2.89 -25.87 14.50
CA TRP B 181 3.43 -26.41 13.27
C TRP B 181 2.40 -27.32 12.59
N PRO B 182 2.18 -27.19 11.28
CA PRO B 182 2.78 -26.22 10.37
C PRO B 182 1.97 -24.93 10.24
N ASN B 183 0.70 -24.90 10.62
CA ASN B 183 -0.09 -23.67 10.51
C ASN B 183 -1.26 -23.72 11.50
N ASP B 184 -1.19 -22.90 12.54
CA ASP B 184 -2.31 -22.58 13.40
C ASP B 184 -1.82 -21.58 14.44
N ILE B 185 -2.77 -20.85 15.03
CA ILE B 185 -2.50 -19.83 16.03
C ILE B 185 -3.20 -20.22 17.31
N TYR B 186 -2.47 -20.19 18.42
CA TYR B 186 -2.97 -20.69 19.70
C TYR B 186 -2.79 -19.62 20.77
N LEU B 187 -3.60 -19.76 21.83
CA LEU B 187 -3.58 -18.84 22.96
C LEU B 187 -4.10 -19.59 24.17
N GLN B 188 -3.26 -19.69 25.21
CA GLN B 188 -3.57 -20.49 26.40
C GLN B 188 -3.89 -21.94 26.01
N ASP B 189 -3.11 -22.47 25.07
CA ASP B 189 -3.28 -23.84 24.58
C ASP B 189 -4.67 -24.08 23.99
N ARG B 190 -5.26 -23.05 23.39
CA ARG B 190 -6.53 -23.16 22.72
C ARG B 190 -6.42 -22.51 21.34
N LYS B 191 -7.14 -23.06 20.37
CA LYS B 191 -7.03 -22.60 19.00
C LYS B 191 -7.70 -21.24 18.84
N LEU B 192 -6.93 -20.25 18.42
CA LEU B 192 -7.43 -18.91 18.18
C LEU B 192 -7.65 -18.60 16.71
N SER B 193 -6.83 -19.15 15.83
CA SER B 193 -6.99 -18.93 14.39
C SER B 193 -6.60 -20.21 13.63
N GLY B 194 -7.39 -20.53 12.63
CA GLY B 194 -7.09 -21.65 11.74
C GLY B 194 -6.57 -21.14 10.40
N ILE B 195 -5.43 -21.69 9.99
CA ILE B 195 -4.80 -21.35 8.72
C ILE B 195 -4.93 -22.54 7.79
N LEU B 196 -5.34 -22.28 6.54
CA LEU B 196 -5.49 -23.32 5.53
C LEU B 196 -4.72 -22.91 4.29
N VAL B 197 -3.56 -23.53 4.08
CA VAL B 197 -2.70 -23.25 2.94
C VAL B 197 -2.96 -24.32 1.89
N GLU B 198 -3.40 -23.89 0.71
CA GLU B 198 -3.67 -24.79 -0.40
C GLU B 198 -2.76 -24.44 -1.57
N LEU B 199 -2.39 -25.49 -2.31
CA LEU B 199 -1.34 -25.28 -3.34
C LEU B 199 -1.53 -26.14 -4.58
N THR B 200 -1.23 -25.59 -5.74
CA THR B 200 -1.16 -26.33 -6.99
C THR B 200 0.17 -25.98 -7.64
N GLY B 201 1.04 -26.96 -7.82
CA GLY B 201 2.35 -26.68 -8.36
C GLY B 201 2.97 -27.90 -9.00
N LYS B 202 4.20 -27.71 -9.47
CA LYS B 202 5.01 -28.76 -10.08
C LYS B 202 6.39 -28.75 -9.46
N THR B 203 6.89 -29.94 -9.10
CA THR B 203 8.24 -30.03 -8.57
C THR B 203 9.25 -29.59 -9.61
N GLY B 204 10.28 -28.86 -9.17
CA GLY B 204 11.20 -28.24 -10.09
C GLY B 204 10.67 -27.00 -10.75
N ASP B 205 9.52 -26.49 -10.31
CA ASP B 205 8.89 -25.32 -10.90
C ASP B 205 8.19 -24.55 -9.78
N ALA B 206 7.41 -23.54 -10.16
CA ALA B 206 6.77 -22.67 -9.21
C ALA B 206 5.54 -23.36 -8.59
N ALA B 207 5.01 -22.72 -7.55
CA ALA B 207 3.81 -23.22 -6.88
C ALA B 207 2.89 -22.05 -6.57
N GLN B 208 1.63 -22.19 -6.93
CA GLN B 208 0.62 -21.18 -6.64
C GLN B 208 -0.07 -21.54 -5.33
N ILE B 209 0.00 -20.64 -4.35
CA ILE B 209 -0.45 -20.93 -2.99
C ILE B 209 -1.51 -19.90 -2.61
N VAL B 210 -2.67 -20.40 -2.20
CA VAL B 210 -3.73 -19.58 -1.61
C VAL B 210 -3.83 -19.97 -0.14
N SER B 211 -3.44 -19.06 0.75
CA SER B 211 -3.51 -19.29 2.17
C SER B 211 -4.69 -18.53 2.77
N GLY B 212 -5.42 -19.20 3.66
CA GLY B 212 -6.59 -18.59 4.26
C GLY B 212 -6.59 -18.65 5.77
N ALA B 213 -6.84 -17.51 6.42
CA ALA B 213 -6.81 -17.41 7.86
C ALA B 213 -8.19 -17.06 8.39
N GLY B 214 -8.66 -17.81 9.37
CA GLY B 214 -9.87 -17.47 10.09
C GLY B 214 -9.57 -17.25 11.56
N ILE B 215 -9.71 -16.01 12.02
CA ILE B 215 -9.30 -15.61 13.37
C ILE B 215 -10.56 -15.38 14.20
N ASN B 216 -10.66 -16.09 15.31
CA ASN B 216 -11.80 -15.95 16.21
C ASN B 216 -11.67 -14.66 17.00
N LEU B 217 -12.57 -13.71 16.72
CA LEU B 217 -12.55 -12.41 17.38
C LEU B 217 -13.62 -12.28 18.46
N VAL B 218 -14.71 -13.03 18.34
CA VAL B 218 -15.84 -12.94 19.26
C VAL B 218 -16.09 -14.31 19.85
N MET B 219 -16.57 -14.33 21.10
CA MET B 219 -16.92 -15.58 21.76
C MET B 219 -18.36 -15.92 21.39
N ARG B 220 -18.56 -17.15 20.92
CA ARG B 220 -19.90 -17.61 20.56
C ARG B 220 -20.08 -19.10 20.84
N GLN B 229 -13.83 -24.98 25.02
CA GLN B 229 -12.80 -25.73 25.73
C GLN B 229 -11.53 -25.82 24.90
N GLY B 230 -11.69 -25.92 23.59
CA GLY B 230 -10.56 -26.01 22.70
C GLY B 230 -10.34 -24.75 21.88
N TRP B 231 -11.33 -23.87 21.89
CA TRP B 231 -11.28 -22.62 21.13
C TRP B 231 -11.19 -21.43 22.05
N ILE B 232 -10.52 -20.39 21.57
CA ILE B 232 -10.40 -19.12 22.28
C ILE B 232 -10.64 -18.00 21.28
N SER B 233 -11.01 -16.83 21.80
CA SER B 233 -11.29 -15.66 20.98
C SER B 233 -10.43 -14.49 21.41
N LEU B 234 -10.25 -13.54 20.50
CA LEU B 234 -9.49 -12.34 20.84
C LEU B 234 -10.22 -11.50 21.87
N GLN B 235 -11.55 -11.59 21.92
CA GLN B 235 -12.31 -10.95 22.99
C GLN B 235 -11.93 -11.52 24.35
N GLU B 236 -11.76 -12.84 24.42
CA GLU B 236 -11.37 -13.50 25.65
C GLU B 236 -9.95 -13.14 26.08
N ALA B 237 -9.16 -12.53 25.19
CA ALA B 237 -7.82 -12.06 25.50
C ALA B 237 -7.80 -10.59 25.89
N GLY B 238 -8.97 -9.96 26.02
CA GLY B 238 -9.03 -8.56 26.33
C GLY B 238 -8.64 -7.66 25.18
N VAL B 239 -8.76 -8.13 23.95
CA VAL B 239 -8.37 -7.38 22.76
C VAL B 239 -9.61 -7.17 21.90
N VAL B 240 -9.94 -5.90 21.65
CA VAL B 240 -11.04 -5.53 20.76
C VAL B 240 -10.45 -4.67 19.67
N ILE B 241 -10.65 -5.07 18.41
CA ILE B 241 -10.10 -4.38 17.25
C ILE B 241 -11.19 -4.25 16.20
N ASP B 242 -11.19 -3.12 15.49
CA ASP B 242 -12.00 -3.01 14.30
C ASP B 242 -11.49 -4.01 13.26
N ARG B 243 -12.42 -4.75 12.63
CA ARG B 243 -12.04 -5.81 11.73
C ARG B 243 -11.29 -5.26 10.51
N ASN B 244 -11.70 -4.08 10.02
CA ASN B 244 -11.00 -3.47 8.90
C ASN B 244 -9.55 -3.16 9.25
N LEU B 245 -9.31 -2.65 10.46
CA LEU B 245 -7.94 -2.34 10.87
C LEU B 245 -7.09 -3.60 11.00
N LEU B 246 -7.65 -4.64 11.64
CA LEU B 246 -6.90 -5.88 11.79
C LEU B 246 -6.64 -6.54 10.44
N ALA B 247 -7.66 -6.57 9.57
CA ALA B 247 -7.48 -7.17 8.26
C ALA B 247 -6.41 -6.42 7.45
N ALA B 248 -6.47 -5.08 7.47
CA ALA B 248 -5.49 -4.29 6.73
C ALA B 248 -4.09 -4.50 7.27
N ARG B 249 -3.94 -4.53 8.60
CA ARG B 249 -2.63 -4.76 9.20
C ARG B 249 -2.09 -6.13 8.83
N LEU B 250 -2.94 -7.16 8.84
CA LEU B 250 -2.50 -8.49 8.48
C LEU B 250 -2.06 -8.56 7.03
N ILE B 251 -2.86 -7.99 6.12
CA ILE B 251 -2.52 -8.03 4.71
C ILE B 251 -1.22 -7.29 4.46
N LYS B 252 -1.05 -6.13 5.09
CA LYS B 252 0.19 -5.36 4.93
C LYS B 252 1.39 -6.15 5.46
N GLU B 253 1.28 -6.67 6.69
CA GLU B 253 2.41 -7.36 7.29
C GLU B 253 2.70 -8.69 6.59
N LEU B 254 1.65 -9.41 6.18
CA LEU B 254 1.85 -10.67 5.46
C LEU B 254 2.59 -10.44 4.16
N ARG B 255 2.24 -9.37 3.43
CA ARG B 255 2.91 -9.07 2.17
C ARG B 255 4.40 -8.82 2.40
N LEU B 256 4.73 -8.02 3.42
CA LEU B 256 6.13 -7.75 3.71
C LEU B 256 6.87 -9.01 4.14
N GLY B 257 6.25 -9.81 5.00
CA GLY B 257 6.90 -11.02 5.47
C GLY B 257 7.19 -12.01 4.35
N LEU B 258 6.25 -12.14 3.41
CA LEU B 258 6.43 -13.12 2.34
C LEU B 258 7.54 -12.71 1.37
N GLU B 259 7.65 -11.42 1.04
CA GLU B 259 8.74 -11.02 0.16
C GLU B 259 10.09 -11.15 0.84
N LEU B 260 10.15 -10.91 2.15
CA LEU B 260 11.37 -11.20 2.91
C LEU B 260 11.69 -12.68 2.86
N PHE B 261 10.68 -13.53 3.03
CA PHE B 261 10.87 -14.97 2.89
C PHE B 261 11.34 -15.33 1.49
N GLU B 262 10.87 -14.59 0.48
CA GLU B 262 11.27 -14.87 -0.89
C GLU B 262 12.75 -14.57 -1.14
N GLN B 263 13.29 -13.53 -0.49
CA GLN B 263 14.65 -13.10 -0.78
C GLN B 263 15.69 -13.60 0.22
N GLU B 264 15.28 -13.98 1.43
CA GLU B 264 16.21 -14.44 2.44
C GLU B 264 15.89 -15.84 2.98
N GLY B 265 14.78 -16.44 2.56
CA GLY B 265 14.46 -17.78 3.01
C GLY B 265 13.92 -17.79 4.44
N LEU B 266 14.03 -18.96 5.07
CA LEU B 266 13.54 -19.15 6.42
C LEU B 266 14.53 -18.66 7.48
N ALA B 267 15.74 -18.27 7.10
CA ALA B 267 16.74 -17.87 8.08
C ALA B 267 16.29 -16.74 8.99
N PRO B 268 15.71 -15.64 8.51
CA PRO B 268 15.26 -14.59 9.44
C PRO B 268 14.20 -15.07 10.42
N TYR B 269 13.39 -16.06 10.04
CA TYR B 269 12.25 -16.48 10.85
C TYR B 269 12.59 -17.57 11.84
N LEU B 270 13.79 -18.16 11.77
CA LEU B 270 14.14 -19.23 12.71
C LEU B 270 14.12 -18.78 14.16
N PRO B 271 14.77 -17.68 14.56
CA PRO B 271 14.62 -17.23 15.95
C PRO B 271 13.19 -16.83 16.29
N ARG B 272 12.44 -16.28 15.34
CA ARG B 272 11.08 -15.86 15.63
C ARG B 272 10.15 -17.05 15.84
N TRP B 273 10.36 -18.13 15.09
CA TRP B 273 9.58 -19.34 15.31
C TRP B 273 9.83 -19.91 16.71
N GLU B 274 11.10 -19.88 17.13
CA GLU B 274 11.45 -20.40 18.45
C GLU B 274 10.72 -19.64 19.56
N LYS B 275 10.66 -18.32 19.45
CA LYS B 275 9.97 -17.51 20.45
C LYS B 275 8.46 -17.75 20.45
N LEU B 276 7.90 -18.29 19.37
CA LEU B 276 6.46 -18.39 19.22
C LEU B 276 5.91 -19.81 19.21
N ASP B 277 6.76 -20.82 19.12
CA ASP B 277 6.28 -22.20 19.05
C ASP B 277 5.57 -22.59 20.34
N ASN B 278 4.30 -22.97 20.23
CA ASN B 278 3.51 -23.35 21.38
C ASN B 278 3.83 -24.75 21.90
N PHE B 279 4.50 -25.57 21.10
CA PHE B 279 4.68 -26.98 21.43
C PHE B 279 6.14 -27.41 21.52
N ILE B 280 7.09 -26.48 21.38
CA ILE B 280 8.49 -26.86 21.45
C ILE B 280 8.81 -27.37 22.85
N HIS B 281 9.58 -28.46 22.91
CA HIS B 281 9.99 -29.10 24.16
C HIS B 281 8.78 -29.58 24.98
N ARG B 282 7.71 -29.96 24.30
CA ARG B 282 6.50 -30.43 24.95
C ARG B 282 6.03 -31.73 24.33
N PRO B 283 5.35 -32.59 25.10
CA PRO B 283 4.75 -33.80 24.51
C PRO B 283 3.64 -33.44 23.54
N VAL B 284 3.75 -33.95 22.31
CA VAL B 284 2.85 -33.60 21.22
C VAL B 284 2.40 -34.86 20.49
N LYS B 285 1.47 -34.69 19.56
CA LYS B 285 0.98 -35.74 18.69
C LYS B 285 1.17 -35.30 17.25
N LEU B 286 1.89 -36.11 16.47
CA LEU B 286 2.10 -35.86 15.05
C LEU B 286 1.07 -36.67 14.26
N ILE B 287 0.26 -35.98 13.46
CA ILE B 287 -0.84 -36.59 12.75
C ILE B 287 -0.50 -36.63 11.27
N ILE B 288 -0.36 -37.84 10.73
CA ILE B 288 -0.19 -38.06 9.29
C ILE B 288 -1.24 -39.08 8.87
N GLY B 289 -2.13 -38.67 7.98
CA GLY B 289 -3.25 -39.53 7.63
C GLY B 289 -4.09 -39.83 8.86
N ASP B 290 -4.35 -41.11 9.10
CA ASP B 290 -4.97 -41.56 10.33
C ASP B 290 -3.96 -42.03 11.36
N LYS B 291 -2.66 -41.97 11.05
CA LYS B 291 -1.63 -42.37 12.01
C LYS B 291 -1.47 -41.30 13.08
N GLU B 292 -0.96 -41.74 14.23
CA GLU B 292 -0.68 -40.86 15.37
C GLU B 292 0.69 -41.20 15.92
N ILE B 293 1.63 -40.27 15.77
CA ILE B 293 2.99 -40.44 16.25
C ILE B 293 3.18 -39.58 17.50
N TYR B 294 3.69 -40.19 18.56
CA TYR B 294 3.83 -39.54 19.86
C TYR B 294 5.29 -39.23 20.12
N GLY B 295 5.54 -38.05 20.70
CA GLY B 295 6.91 -37.69 21.01
C GLY B 295 6.98 -36.28 21.58
N ILE B 296 8.22 -35.83 21.76
CA ILE B 296 8.51 -34.48 22.24
C ILE B 296 8.97 -33.64 21.07
N SER B 297 8.32 -32.50 20.87
CA SER B 297 8.73 -31.58 19.82
C SER B 297 10.03 -30.87 20.20
N ARG B 298 10.95 -30.78 19.24
CA ARG B 298 12.20 -30.05 19.43
C ARG B 298 12.33 -28.89 18.45
N GLY B 299 11.19 -28.29 18.08
CA GLY B 299 11.21 -27.15 17.19
C GLY B 299 11.21 -27.55 15.72
N ILE B 300 11.83 -26.72 14.90
CA ILE B 300 11.96 -26.98 13.47
C ILE B 300 13.44 -26.95 13.12
N ASP B 301 13.76 -27.46 11.93
CA ASP B 301 15.12 -27.36 11.42
C ASP B 301 15.23 -26.13 10.53
N ALA B 302 16.41 -25.95 9.93
CA ALA B 302 16.66 -24.77 9.10
C ALA B 302 15.83 -24.75 7.83
N GLN B 303 15.21 -25.87 7.46
CA GLN B 303 14.38 -25.94 6.26
C GLN B 303 12.89 -26.00 6.58
N GLY B 304 12.51 -25.84 7.85
CA GLY B 304 11.12 -25.85 8.23
C GLY B 304 10.56 -27.22 8.58
N ALA B 305 11.35 -28.27 8.48
CA ALA B 305 10.88 -29.60 8.83
C ALA B 305 10.70 -29.71 10.34
N LEU B 306 9.67 -30.44 10.75
CA LEU B 306 9.42 -30.64 12.18
C LEU B 306 10.48 -31.56 12.76
N LEU B 307 11.04 -31.17 13.91
CA LEU B 307 12.00 -31.98 14.64
C LEU B 307 11.24 -32.66 15.79
N LEU B 308 10.98 -33.96 15.64
CA LEU B 308 10.18 -34.71 16.60
C LEU B 308 11.06 -35.76 17.26
N GLU B 309 11.09 -35.74 18.59
CA GLU B 309 11.86 -36.69 19.38
C GLU B 309 10.94 -37.84 19.81
N GLN B 310 11.29 -39.05 19.41
CA GLN B 310 10.59 -40.26 19.86
C GLN B 310 11.59 -41.16 20.57
N ASP B 311 11.30 -41.47 21.84
CA ASP B 311 12.14 -42.36 22.63
C ASP B 311 13.59 -41.87 22.64
N GLY B 312 13.75 -40.54 22.73
CA GLY B 312 15.06 -39.93 22.80
C GLY B 312 15.74 -39.67 21.47
N VAL B 313 15.14 -40.08 20.36
CA VAL B 313 15.75 -39.94 19.03
C VAL B 313 14.95 -38.89 18.25
N ILE B 314 15.67 -37.92 17.69
CA ILE B 314 15.06 -36.80 16.97
C ILE B 314 15.14 -37.07 15.48
N LYS B 315 13.97 -37.19 14.83
CA LYS B 315 13.88 -37.39 13.40
C LYS B 315 13.13 -36.22 12.78
N ALA B 316 13.53 -35.85 11.56
CA ALA B 316 12.93 -34.70 10.87
C ALA B 316 11.75 -35.17 10.03
N TRP B 317 10.64 -34.47 10.16
CA TRP B 317 9.42 -34.76 9.40
C TRP B 317 9.09 -33.57 8.51
N VAL B 318 8.74 -33.86 7.26
CA VAL B 318 8.46 -32.82 6.28
C VAL B 318 6.97 -32.72 5.98
N GLY B 319 6.13 -33.35 6.79
CA GLY B 319 4.69 -33.32 6.58
C GLY B 319 3.95 -33.68 7.85
N GLY B 320 2.64 -33.52 7.79
CA GLY B 320 1.77 -33.88 8.89
C GLY B 320 1.32 -32.68 9.70
N GLU B 321 0.58 -32.98 10.77
CA GLU B 321 0.04 -31.98 11.67
C GLU B 321 0.48 -32.26 13.10
N ILE B 322 0.67 -31.19 13.86
CA ILE B 322 1.04 -31.27 15.27
C ILE B 322 -0.24 -31.12 16.10
N SER B 323 -0.41 -31.99 17.08
CA SER B 323 -1.56 -31.95 17.98
C SER B 323 -1.08 -31.97 19.43
N LEU B 324 -2.01 -31.86 20.35
CA LEU B 324 -1.71 -31.74 21.77
C LEU B 324 -1.88 -33.08 22.47
N ARG B 325 -1.06 -33.29 23.50
CA ARG B 325 -1.16 -34.49 24.32
C ARG B 325 -0.91 -34.15 25.79
C11 BTN C . 11.00 25.25 -7.88
O11 BTN C . 10.79 26.46 -7.69
O12 BTN C . 12.08 24.78 -8.32
C10 BTN C . 9.89 24.27 -7.55
C9 BTN C . 9.36 23.52 -8.74
C8 BTN C . 8.30 22.49 -8.42
C7 BTN C . 7.79 21.73 -9.64
C2 BTN C . 6.76 20.66 -9.32
S1 BTN C . 6.08 19.88 -10.83
C6 BTN C . 5.02 19.02 -9.65
C5 BTN C . 4.41 20.11 -8.77
N1 BTN C . 3.38 20.88 -9.42
C3 BTN C . 3.72 22.17 -9.60
O3 BTN C . 3.01 23.04 -10.15
N2 BTN C . 4.97 22.37 -9.10
C4 BTN C . 5.53 21.17 -8.55
C11 BTN D . -8.11 -25.45 9.87
O11 BTN D . -8.09 -25.20 11.09
O12 BTN D . -8.19 -26.61 9.42
C10 BTN D . -8.02 -24.29 8.89
C9 BTN D . -9.19 -23.35 8.94
C8 BTN D . -9.05 -22.18 8.00
C7 BTN D . -10.20 -21.19 8.05
C2 BTN D . -10.05 -19.98 7.13
S1 BTN D . -11.52 -18.89 7.12
C6 BTN D . -10.57 -18.00 5.87
C5 BTN D . -10.13 -19.04 4.85
N1 BTN D . -11.19 -19.49 3.98
C3 BTN D . -11.50 -20.79 4.17
O3 BTN D . -12.38 -21.42 3.55
N2 BTN D . -10.70 -21.30 5.13
C4 BTN D . -9.79 -20.32 5.66
#